data_1KM6
#
_entry.id   1KM6
#
_cell.length_a   58.320
_cell.length_b   103.387
_cell.length_c   73.713
_cell.angle_alpha   90.00
_cell.angle_beta   90.00
_cell.angle_gamma   90.00
#
_symmetry.space_group_name_H-M   'C 2 2 21'
#
loop_
_entity.id
_entity.type
_entity.pdbx_description
1 polymer "OROTIDINE 5'-PHOSPHATE DECARBOXYLASE"
2 non-polymer "OROTIDINE-5'-MONOPHOSPHATE"
3 water water
#
_entity_poly.entity_id   1
_entity_poly.type   'polypeptide(L)'
_entity_poly.pdbx_seq_one_letter_code
;MRSRRVDVMDVMNRLILAMDLMNRDDALRVTGEVREYIDTVKIGYPLVLSEGMDIIAEFRKRFGCRIIAAFAVADIPETN
EKICRATFKAGADAIIVHGFPGADSVRACLNVAEEMGREVFLLTEMSHPGAEMFIQGAADEIARMGVDLGVKNYVGPSTR
PERLSRLREIIGQDSFLISPGVGAQGGDPGETLRFADAIIVGRSIYLADNPAAAAAGIIESIKDLLIPEDPAANKARKEA
ELAAATA
;
_entity_poly.pdbx_strand_id   A
#
# COMPACT_ATOMS: atom_id res chain seq x y z
N ARG A 14 10.96 4.32 7.44
CA ARG A 14 10.54 3.00 6.87
C ARG A 14 9.15 2.63 7.40
N LEU A 15 8.39 3.65 7.79
CA LEU A 15 7.04 3.46 8.35
C LEU A 15 5.97 4.24 7.59
N ILE A 16 4.94 3.51 7.15
CA ILE A 16 3.82 4.06 6.38
C ILE A 16 2.58 3.87 7.24
N LEU A 17 1.83 4.95 7.44
CA LEU A 17 0.62 4.88 8.26
C LEU A 17 -0.57 4.47 7.41
N ALA A 18 -1.29 3.42 7.82
CA ALA A 18 -2.51 3.01 7.12
C ALA A 18 -3.63 3.75 7.85
N MET A 19 -4.14 4.81 7.23
CA MET A 19 -5.16 5.63 7.87
C MET A 19 -6.55 5.16 7.46
N ASP A 20 -7.07 4.19 8.24
CA ASP A 20 -8.36 3.59 7.97
C ASP A 20 -9.47 4.01 8.91
N LEU A 21 -9.25 5.12 9.63
CA LEU A 21 -10.34 5.66 10.44
C LEU A 21 -11.34 6.19 9.43
N MET A 22 -12.62 6.21 9.80
CA MET A 22 -13.63 6.64 8.85
C MET A 22 -14.10 8.09 8.96
N ASN A 23 -13.73 8.79 10.02
CA ASN A 23 -14.16 10.17 10.07
C ASN A 23 -12.99 11.12 9.95
N ARG A 24 -13.20 12.18 9.18
CA ARG A 24 -12.17 13.15 8.88
C ARG A 24 -11.48 13.75 10.10
N ASP A 25 -12.26 14.10 11.12
CA ASP A 25 -11.67 14.70 12.31
C ASP A 25 -10.68 13.77 13.01
N ASP A 26 -11.08 12.52 13.20
CA ASP A 26 -10.18 11.57 13.86
C ASP A 26 -8.97 11.27 12.97
N ALA A 27 -9.20 11.12 11.67
CA ALA A 27 -8.10 10.82 10.76
C ALA A 27 -7.06 11.93 10.73
N LEU A 28 -7.53 13.18 10.69
CA LEU A 28 -6.63 14.31 10.68
C LEU A 28 -5.86 14.42 12.00
N ARG A 29 -6.56 14.18 13.10
CA ARG A 29 -5.94 14.25 14.42
C ARG A 29 -4.79 13.26 14.54
N VAL A 30 -5.07 11.99 14.28
CA VAL A 30 -4.05 10.98 14.41
C VAL A 30 -2.88 11.18 13.43
N THR A 31 -3.19 11.51 12.19
CA THR A 31 -2.12 11.70 11.22
C THR A 31 -1.22 12.87 11.65
N GLY A 32 -1.82 13.94 12.16
CA GLY A 32 -1.01 15.06 12.59
C GLY A 32 -0.14 14.69 13.78
N GLU A 33 -0.67 13.88 14.69
CA GLU A 33 0.08 13.47 15.87
C GLU A 33 1.28 12.59 15.56
N VAL A 34 1.21 11.83 14.48
CA VAL A 34 2.32 10.94 14.17
C VAL A 34 3.16 11.33 12.97
N ARG A 35 2.92 12.52 12.43
CA ARG A 35 3.62 13.01 11.24
C ARG A 35 5.15 12.90 11.27
N GLU A 36 5.75 13.20 12.41
CA GLU A 36 7.20 13.15 12.51
C GLU A 36 7.79 11.75 12.39
N TYR A 37 6.97 10.72 12.50
CA TYR A 37 7.47 9.35 12.41
C TYR A 37 7.24 8.67 11.07
N ILE A 38 6.51 9.35 10.18
CA ILE A 38 6.19 8.78 8.88
C ILE A 38 6.52 9.77 7.76
N ASP A 39 6.39 9.34 6.52
CA ASP A 39 6.63 10.21 5.38
C ASP A 39 5.57 9.92 4.35
N THR A 40 4.88 8.79 4.53
CA THR A 40 3.84 8.38 3.60
C THR A 40 2.59 7.93 4.35
N VAL A 41 1.44 8.32 3.83
CA VAL A 41 0.16 7.90 4.40
C VAL A 41 -0.55 7.06 3.34
N LYS A 42 -1.03 5.90 3.75
CA LYS A 42 -1.79 5.01 2.88
C LYS A 42 -3.27 5.27 3.22
N ILE A 43 -4.03 5.74 2.24
CA ILE A 43 -5.45 6.03 2.42
C ILE A 43 -6.24 5.08 1.54
N GLY A 44 -7.25 4.46 2.11
CA GLY A 44 -8.05 3.51 1.35
C GLY A 44 -9.52 3.87 1.32
N TYR A 45 -10.33 2.91 0.88
CA TYR A 45 -11.76 3.15 0.78
C TYR A 45 -12.49 3.42 2.10
N PRO A 46 -12.02 2.85 3.23
CA PRO A 46 -12.75 3.15 4.48
C PRO A 46 -12.84 4.67 4.70
N LEU A 47 -11.76 5.40 4.46
CA LEU A 47 -11.80 6.86 4.63
C LEU A 47 -12.37 7.58 3.42
N VAL A 48 -11.97 7.18 2.21
CA VAL A 48 -12.45 7.86 1.02
C VAL A 48 -13.96 7.71 0.78
N LEU A 49 -14.51 6.54 1.06
CA LEU A 49 -15.95 6.36 0.83
C LEU A 49 -16.77 7.07 1.90
N SER A 50 -16.14 7.39 3.03
CA SER A 50 -16.85 8.08 4.10
C SER A 50 -16.73 9.59 3.99
N GLU A 51 -15.58 10.08 3.53
CA GLU A 51 -15.35 11.51 3.48
C GLU A 51 -15.13 12.12 2.11
N GLY A 52 -15.06 11.28 1.08
CA GLY A 52 -14.87 11.76 -0.27
C GLY A 52 -13.41 11.76 -0.74
N MET A 53 -13.23 11.71 -2.05
CA MET A 53 -11.89 11.73 -2.64
C MET A 53 -11.09 13.00 -2.36
N ASP A 54 -11.77 14.10 -2.04
CA ASP A 54 -11.06 15.34 -1.76
C ASP A 54 -10.16 15.21 -0.53
N ILE A 55 -10.40 14.19 0.30
CA ILE A 55 -9.57 14.02 1.49
C ILE A 55 -8.11 13.73 1.13
N ILE A 56 -7.87 13.21 -0.06
CA ILE A 56 -6.50 12.90 -0.47
C ILE A 56 -5.71 14.19 -0.63
N ALA A 57 -6.28 15.16 -1.35
CA ALA A 57 -5.60 16.44 -1.55
C ALA A 57 -5.47 17.18 -0.23
N GLU A 58 -6.47 17.05 0.63
CA GLU A 58 -6.40 17.73 1.91
C GLU A 58 -5.23 17.21 2.72
N PHE A 59 -5.04 15.90 2.75
CA PHE A 59 -3.93 15.31 3.50
C PHE A 59 -2.59 15.72 2.91
N ARG A 60 -2.50 15.67 1.59
CA ARG A 60 -1.26 16.01 0.91
C ARG A 60 -0.84 17.43 1.24
N LYS A 61 -1.79 18.35 1.24
CA LYS A 61 -1.50 19.74 1.54
C LYS A 61 -1.17 19.98 3.00
N ARG A 62 -2.07 19.52 3.88
CA ARG A 62 -1.90 19.72 5.30
C ARG A 62 -0.67 19.07 5.93
N PHE A 63 -0.32 17.87 5.49
CA PHE A 63 0.81 17.16 6.06
C PHE A 63 2.05 17.07 5.18
N GLY A 64 1.89 17.34 3.88
CA GLY A 64 3.03 17.26 2.98
C GLY A 64 3.58 15.85 2.81
N CYS A 65 2.72 14.86 3.04
N CYS A 65 2.69 14.88 3.02
CA CYS A 65 3.16 13.47 2.90
CA CYS A 65 3.05 13.47 2.92
C CYS A 65 2.74 12.94 1.55
C CYS A 65 2.67 12.89 1.56
N ARG A 66 3.42 11.88 1.12
CA ARG A 66 3.11 11.22 -0.15
C ARG A 66 1.89 10.37 0.25
N ILE A 67 0.97 10.17 -0.69
CA ILE A 67 -0.22 9.39 -0.42
C ILE A 67 -0.31 8.19 -1.35
N ILE A 68 -0.44 7.00 -0.75
CA ILE A 68 -0.65 5.80 -1.54
C ILE A 68 -2.14 5.48 -1.41
N ALA A 69 -2.86 5.36 -2.52
CA ALA A 69 -4.30 5.01 -2.49
C ALA A 69 -4.41 3.48 -2.47
N ALA A 70 -4.87 2.96 -1.34
CA ALA A 70 -4.98 1.50 -1.16
C ALA A 70 -6.33 1.04 -1.62
N PHE A 71 -6.49 1.01 -2.93
CA PHE A 71 -7.76 0.67 -3.56
C PHE A 71 -7.86 -0.75 -4.09
N ALA A 72 -6.84 -1.57 -3.83
CA ALA A 72 -6.85 -2.99 -4.23
C ALA A 72 -7.53 -3.17 -5.58
N VAL A 73 -7.09 -2.39 -6.56
CA VAL A 73 -7.76 -2.36 -7.86
C VAL A 73 -7.83 -3.76 -8.45
N ALA A 74 -9.04 -4.20 -8.77
CA ALA A 74 -9.25 -5.56 -9.22
C ALA A 74 -10.39 -5.73 -10.20
N ASP A 75 -10.41 -4.89 -11.22
CA ASP A 75 -11.48 -4.96 -12.21
C ASP A 75 -10.90 -5.23 -13.61
N ILE A 76 -11.75 -5.11 -14.63
CA ILE A 76 -11.31 -5.33 -16.01
C ILE A 76 -10.44 -4.15 -16.42
N PRO A 77 -9.67 -4.29 -17.50
CA PRO A 77 -8.82 -3.18 -17.90
C PRO A 77 -9.47 -1.81 -18.03
N GLU A 78 -10.60 -1.76 -18.72
CA GLU A 78 -11.28 -0.48 -18.95
C GLU A 78 -11.71 0.22 -17.68
N THR A 79 -12.20 -0.55 -16.72
CA THR A 79 -12.63 0.02 -15.46
C THR A 79 -11.43 0.41 -14.60
N ASN A 80 -10.39 -0.43 -14.62
CA ASN A 80 -9.17 -0.11 -13.88
C ASN A 80 -8.62 1.22 -14.37
N GLU A 81 -8.62 1.45 -15.68
CA GLU A 81 -8.11 2.72 -16.22
C GLU A 81 -8.88 3.91 -15.63
N LYS A 82 -10.21 3.80 -15.58
N LYS A 82 -10.20 3.82 -15.57
CA LYS A 82 -11.07 4.85 -15.05
CA LYS A 82 -11.01 4.90 -15.02
C LYS A 82 -10.79 5.10 -13.56
C LYS A 82 -10.73 5.12 -13.54
N ILE A 83 -10.60 4.02 -12.79
CA ILE A 83 -10.33 4.15 -11.37
C ILE A 83 -8.98 4.84 -11.16
N CYS A 84 -7.96 4.41 -11.91
CA CYS A 84 -6.65 5.02 -11.76
C CYS A 84 -6.67 6.49 -12.13
N ARG A 85 -7.37 6.83 -13.21
N ARG A 85 -7.37 6.83 -13.21
CA ARG A 85 -7.42 8.22 -13.63
CA ARG A 85 -7.43 8.23 -13.64
C ARG A 85 -8.06 9.09 -12.55
C ARG A 85 -8.08 9.11 -12.58
N ALA A 86 -9.17 8.64 -11.99
CA ALA A 86 -9.85 9.41 -10.96
C ALA A 86 -8.98 9.55 -9.71
N THR A 87 -8.23 8.50 -9.41
CA THR A 87 -7.39 8.48 -8.22
C THR A 87 -6.19 9.41 -8.36
N PHE A 88 -5.57 9.40 -9.53
CA PHE A 88 -4.44 10.31 -9.73
C PHE A 88 -4.91 11.77 -9.85
N LYS A 89 -6.09 11.97 -10.44
CA LYS A 89 -6.65 13.32 -10.57
C LYS A 89 -6.87 13.88 -9.17
N ALA A 90 -7.24 13.00 -8.23
CA ALA A 90 -7.47 13.40 -6.86
C ALA A 90 -6.18 13.71 -6.10
N GLY A 91 -5.03 13.45 -6.74
CA GLY A 91 -3.78 13.77 -6.10
C GLY A 91 -2.96 12.65 -5.50
N ALA A 92 -3.41 11.40 -5.60
CA ALA A 92 -2.63 10.30 -5.04
C ALA A 92 -1.30 10.15 -5.78
N ASP A 93 -0.25 9.82 -5.03
CA ASP A 93 1.06 9.62 -5.66
C ASP A 93 1.17 8.22 -6.24
N ALA A 94 0.44 7.26 -5.68
CA ALA A 94 0.52 5.89 -6.13
C ALA A 94 -0.78 5.18 -5.82
N ILE A 95 -0.98 4.04 -6.47
CA ILE A 95 -2.19 3.25 -6.25
C ILE A 95 -1.81 1.78 -6.13
N ILE A 96 -2.49 1.05 -5.25
CA ILE A 96 -2.25 -0.38 -5.06
C ILE A 96 -3.22 -1.13 -5.96
N VAL A 97 -2.65 -2.02 -6.76
CA VAL A 97 -3.38 -2.80 -7.75
C VAL A 97 -3.16 -4.30 -7.55
N HIS A 98 -4.25 -5.08 -7.57
CA HIS A 98 -4.12 -6.53 -7.46
C HIS A 98 -3.53 -7.11 -8.73
N GLY A 99 -2.70 -8.12 -8.56
CA GLY A 99 -2.15 -8.75 -9.74
C GLY A 99 -2.93 -9.99 -10.17
N PHE A 100 -3.73 -10.50 -9.27
N PHE A 100 -3.76 -10.51 -9.25
CA PHE A 100 -4.50 -11.67 -9.56
CA PHE A 100 -4.45 -11.72 -9.61
C PHE A 100 -5.44 -11.65 -10.76
C PHE A 100 -5.45 -11.66 -10.78
N PRO A 101 -6.03 -10.47 -11.08
CA PRO A 101 -6.94 -10.42 -12.24
C PRO A 101 -6.16 -10.51 -13.58
N GLY A 102 -4.83 -10.56 -13.52
CA GLY A 102 -4.09 -10.74 -14.76
C GLY A 102 -3.31 -9.57 -15.31
N ALA A 103 -2.47 -9.85 -16.32
CA ALA A 103 -1.60 -8.82 -16.86
C ALA A 103 -2.27 -7.65 -17.54
N ASP A 104 -3.35 -7.89 -18.26
CA ASP A 104 -4.01 -6.79 -18.95
C ASP A 104 -4.58 -5.79 -17.96
N SER A 105 -5.12 -6.29 -16.85
CA SER A 105 -5.66 -5.41 -15.84
C SER A 105 -4.55 -4.60 -15.18
N VAL A 106 -3.38 -5.20 -14.97
CA VAL A 106 -2.27 -4.46 -14.38
C VAL A 106 -1.73 -3.44 -15.38
N ARG A 107 -1.58 -3.86 -16.63
CA ARG A 107 -1.06 -2.96 -17.67
C ARG A 107 -1.92 -1.72 -17.81
N ALA A 108 -3.24 -1.87 -17.67
CA ALA A 108 -4.11 -0.72 -17.81
C ALA A 108 -3.75 0.33 -16.75
N CYS A 109 -3.45 -0.14 -15.53
CA CYS A 109 -3.09 0.78 -14.46
C CYS A 109 -1.72 1.41 -14.72
N LEU A 110 -0.78 0.59 -15.18
CA LEU A 110 0.56 1.10 -15.51
C LEU A 110 0.47 2.15 -16.59
N ASN A 111 -0.40 1.95 -17.58
CA ASN A 111 -0.52 2.97 -18.66
C ASN A 111 -1.01 4.30 -18.13
N VAL A 112 -1.99 4.29 -17.23
CA VAL A 112 -2.46 5.54 -16.69
C VAL A 112 -1.38 6.19 -15.80
N ALA A 113 -0.68 5.39 -15.00
CA ALA A 113 0.38 5.92 -14.15
C ALA A 113 1.44 6.60 -15.04
N GLU A 114 1.75 6.01 -16.18
CA GLU A 114 2.75 6.59 -17.08
C GLU A 114 2.24 7.93 -17.63
N GLU A 115 0.98 7.96 -18.04
N GLU A 115 0.98 7.97 -18.04
CA GLU A 115 0.37 9.17 -18.59
CA GLU A 115 0.41 9.20 -18.59
C GLU A 115 0.32 10.31 -17.58
C GLU A 115 0.42 10.31 -17.56
N MET A 116 0.18 9.96 -16.31
CA MET A 116 0.07 10.95 -15.25
C MET A 116 1.27 11.18 -14.36
N GLY A 117 2.38 10.51 -14.67
CA GLY A 117 3.59 10.66 -13.87
C GLY A 117 3.45 10.14 -12.46
N ARG A 118 2.72 9.03 -12.30
N ARG A 118 2.74 9.02 -12.29
CA ARG A 118 2.48 8.43 -11.00
CA ARG A 118 2.56 8.44 -10.97
C ARG A 118 2.99 6.99 -10.94
C ARG A 118 3.03 6.99 -10.92
N GLU A 119 2.73 6.31 -9.82
CA GLU A 119 3.18 4.94 -9.66
C GLU A 119 2.15 3.92 -9.26
N VAL A 120 2.41 2.69 -9.65
CA VAL A 120 1.57 1.54 -9.33
C VAL A 120 2.33 0.60 -8.37
N PHE A 121 1.63 0.16 -7.32
CA PHE A 121 2.20 -0.83 -6.40
C PHE A 121 1.44 -2.10 -6.69
N LEU A 122 2.14 -3.19 -6.98
CA LEU A 122 1.47 -4.46 -7.27
C LEU A 122 1.30 -5.30 -6.02
N LEU A 123 0.06 -5.59 -5.67
CA LEU A 123 -0.23 -6.44 -4.51
C LEU A 123 -0.09 -7.88 -4.98
N THR A 124 0.89 -8.58 -4.39
CA THR A 124 1.16 -9.95 -4.75
C THR A 124 0.41 -10.86 -3.79
N GLU A 125 1.00 -11.21 -2.66
CA GLU A 125 0.33 -12.07 -1.71
C GLU A 125 -0.22 -11.19 -0.59
N MET A 126 -1.47 -11.46 -0.20
CA MET A 126 -2.12 -10.72 0.87
C MET A 126 -1.72 -11.28 2.24
N SER A 127 -1.95 -10.46 3.27
CA SER A 127 -1.51 -10.80 4.62
C SER A 127 -2.46 -11.57 5.52
N HIS A 128 -3.75 -11.60 5.19
CA HIS A 128 -4.73 -12.25 6.03
C HIS A 128 -4.77 -13.76 5.82
N PRO A 129 -5.39 -14.50 6.75
CA PRO A 129 -5.46 -15.96 6.63
C PRO A 129 -6.02 -16.48 5.32
N GLY A 130 -7.10 -15.87 4.85
CA GLY A 130 -7.73 -16.27 3.60
C GLY A 130 -6.82 -16.22 2.40
N ALA A 131 -5.74 -15.44 2.47
CA ALA A 131 -4.82 -15.37 1.32
C ALA A 131 -4.22 -16.72 0.99
N GLU A 132 -4.22 -17.64 1.95
CA GLU A 132 -3.63 -18.95 1.67
C GLU A 132 -4.49 -19.80 0.74
N MET A 133 -5.77 -19.46 0.61
CA MET A 133 -6.67 -20.25 -0.17
C MET A 133 -6.41 -20.28 -1.67
N PHE A 134 -6.25 -19.09 -2.25
CA PHE A 134 -5.99 -18.97 -3.68
C PHE A 134 -4.84 -18.04 -4.04
N ILE A 135 -4.69 -16.95 -3.32
CA ILE A 135 -3.65 -16.00 -3.70
C ILE A 135 -2.24 -16.50 -3.53
N GLN A 136 -1.96 -17.12 -2.39
CA GLN A 136 -0.62 -17.62 -2.12
C GLN A 136 -0.08 -18.52 -3.23
N GLY A 137 -0.92 -19.42 -3.73
CA GLY A 137 -0.49 -20.33 -4.80
C GLY A 137 -0.18 -19.62 -6.10
N ALA A 138 -0.70 -18.42 -6.30
CA ALA A 138 -0.44 -17.68 -7.51
C ALA A 138 0.55 -16.54 -7.31
N ALA A 139 0.89 -16.23 -6.06
CA ALA A 139 1.74 -15.09 -5.75
C ALA A 139 3.10 -15.02 -6.41
N ASP A 140 3.83 -16.13 -6.48
CA ASP A 140 5.14 -16.09 -7.12
C ASP A 140 5.00 -15.71 -8.60
N GLU A 141 3.99 -16.28 -9.25
CA GLU A 141 3.75 -15.99 -10.65
C GLU A 141 3.26 -14.54 -10.81
N ILE A 142 2.47 -14.06 -9.84
CA ILE A 142 2.03 -12.67 -9.91
C ILE A 142 3.27 -11.75 -9.80
N ALA A 143 4.20 -12.07 -8.91
CA ALA A 143 5.40 -11.24 -8.78
C ALA A 143 6.23 -11.29 -10.07
N ARG A 144 6.35 -12.48 -10.67
N ARG A 144 6.34 -12.48 -10.66
CA ARG A 144 7.12 -12.61 -11.90
CA ARG A 144 7.11 -12.62 -11.90
C ARG A 144 6.45 -11.81 -13.02
C ARG A 144 6.45 -11.80 -13.00
N MET A 145 5.12 -11.81 -13.04
CA MET A 145 4.38 -11.03 -14.04
C MET A 145 4.72 -9.55 -13.83
N GLY A 146 4.77 -9.12 -12.57
CA GLY A 146 5.12 -7.73 -12.31
C GLY A 146 6.48 -7.39 -12.88
N VAL A 147 7.47 -8.25 -12.64
CA VAL A 147 8.80 -8.00 -13.16
C VAL A 147 8.76 -7.89 -14.70
N ASP A 148 8.04 -8.80 -15.34
CA ASP A 148 7.91 -8.79 -16.80
C ASP A 148 7.25 -7.52 -17.32
N LEU A 149 6.32 -6.95 -16.54
CA LEU A 149 5.61 -5.73 -16.94
C LEU A 149 6.36 -4.45 -16.59
N GLY A 150 7.46 -4.59 -15.87
CA GLY A 150 8.23 -3.41 -15.50
C GLY A 150 7.81 -2.77 -14.19
N VAL A 151 7.02 -3.49 -13.40
CA VAL A 151 6.58 -2.98 -12.10
C VAL A 151 7.79 -2.84 -11.18
N LYS A 152 7.87 -1.73 -10.46
CA LYS A 152 8.98 -1.49 -9.57
C LYS A 152 8.60 -1.37 -8.10
N ASN A 153 7.31 -1.41 -7.81
CA ASN A 153 6.79 -1.26 -6.45
C ASN A 153 5.84 -2.41 -6.17
N TYR A 154 6.04 -3.06 -5.03
CA TYR A 154 5.28 -4.24 -4.67
C TYR A 154 4.79 -4.23 -3.22
N VAL A 155 3.76 -5.03 -2.96
CA VAL A 155 3.20 -5.20 -1.62
C VAL A 155 3.22 -6.71 -1.32
N GLY A 156 3.73 -7.06 -0.13
CA GLY A 156 3.85 -8.45 0.28
C GLY A 156 3.52 -8.55 1.76
N PRO A 157 3.23 -9.75 2.28
CA PRO A 157 2.84 -9.97 3.68
C PRO A 157 3.78 -10.06 4.85
N SER A 158 3.56 -9.18 5.83
CA SER A 158 4.37 -9.16 7.05
C SER A 158 4.14 -10.44 7.83
N THR A 159 2.92 -10.95 7.74
CA THR A 159 2.51 -12.15 8.45
C THR A 159 3.21 -13.44 7.99
N ARG A 160 3.87 -13.41 6.84
CA ARG A 160 4.59 -14.60 6.35
C ARG A 160 5.94 -14.17 5.83
N PRO A 161 6.92 -13.97 6.73
CA PRO A 161 8.24 -13.53 6.29
C PRO A 161 8.94 -14.46 5.30
N GLU A 162 8.63 -15.76 5.34
CA GLU A 162 9.25 -16.70 4.39
C GLU A 162 8.69 -16.40 3.00
N ARG A 163 7.43 -15.97 2.94
CA ARG A 163 6.85 -15.62 1.63
C ARG A 163 7.39 -14.27 1.19
N LEU A 164 7.57 -13.36 2.14
CA LEU A 164 8.12 -12.05 1.83
C LEU A 164 9.55 -12.23 1.30
N SER A 165 10.29 -13.17 1.87
CA SER A 165 11.65 -13.44 1.38
C SER A 165 11.63 -13.95 -0.06
N ARG A 166 10.74 -14.88 -0.35
CA ARG A 166 10.62 -15.43 -1.69
C ARG A 166 10.22 -14.33 -2.68
N LEU A 167 9.29 -13.46 -2.27
N LEU A 167 9.30 -13.46 -2.26
CA LEU A 167 8.87 -12.39 -3.16
CA LEU A 167 8.84 -12.36 -3.10
C LEU A 167 10.01 -11.41 -3.42
C LEU A 167 10.01 -11.43 -3.41
N ARG A 168 10.80 -11.13 -2.39
CA ARG A 168 11.95 -10.25 -2.54
C ARG A 168 12.94 -10.91 -3.51
N GLU A 169 13.06 -12.22 -3.41
CA GLU A 169 13.96 -12.95 -4.31
C GLU A 169 13.54 -12.78 -5.77
N ILE A 170 12.24 -12.80 -6.03
CA ILE A 170 11.74 -12.66 -7.39
C ILE A 170 11.87 -11.24 -7.94
N ILE A 171 11.51 -10.24 -7.14
CA ILE A 171 11.55 -8.87 -7.63
C ILE A 171 12.91 -8.18 -7.63
N GLY A 172 13.88 -8.76 -6.92
CA GLY A 172 15.20 -8.15 -6.86
C GLY A 172 15.37 -7.11 -5.78
N GLN A 173 16.62 -6.72 -5.52
CA GLN A 173 16.92 -5.74 -4.49
C GLN A 173 16.58 -4.30 -4.85
N ASP A 174 16.47 -3.99 -6.14
CA ASP A 174 16.19 -2.63 -6.55
C ASP A 174 14.71 -2.26 -6.53
N SER A 175 13.85 -3.27 -6.49
CA SER A 175 12.42 -2.98 -6.44
C SER A 175 12.08 -2.51 -5.03
N PHE A 176 11.04 -1.70 -4.90
CA PHE A 176 10.59 -1.16 -3.61
C PHE A 176 9.45 -2.08 -3.15
N LEU A 177 9.57 -2.58 -1.92
CA LEU A 177 8.59 -3.51 -1.35
C LEU A 177 8.08 -2.99 -0.03
N ILE A 178 6.77 -2.85 0.07
CA ILE A 178 6.17 -2.41 1.33
C ILE A 178 5.32 -3.56 1.85
N SER A 179 5.13 -3.58 3.16
CA SER A 179 4.46 -4.73 3.76
C SER A 179 3.49 -4.47 4.89
N PRO A 180 2.21 -4.84 4.72
CA PRO A 180 1.19 -4.64 5.75
C PRO A 180 1.05 -5.94 6.55
N GLY A 181 0.37 -5.83 7.68
CA GLY A 181 0.18 -6.96 8.55
C GLY A 181 1.01 -6.86 9.82
N VAL A 182 1.64 -5.71 10.04
CA VAL A 182 2.48 -5.49 11.22
C VAL A 182 1.62 -5.05 12.41
N GLY A 183 1.81 -5.70 13.54
CA GLY A 183 1.06 -5.33 14.73
C GLY A 183 -0.22 -6.11 14.89
N ALA A 184 -1.34 -5.48 14.56
CA ALA A 184 -2.62 -6.13 14.74
C ALA A 184 -2.76 -7.51 14.11
N GLN A 185 -2.27 -7.67 12.88
CA GLN A 185 -2.39 -8.96 12.24
C GLN A 185 -1.35 -9.97 12.69
N GLY A 186 -0.39 -9.52 13.49
CA GLY A 186 0.61 -10.44 14.01
C GLY A 186 2.03 -10.27 13.55
N GLY A 187 2.22 -9.48 12.50
CA GLY A 187 3.55 -9.28 11.96
C GLY A 187 4.48 -8.47 12.85
N ASP A 188 5.76 -8.75 12.73
CA ASP A 188 6.81 -8.09 13.52
C ASP A 188 7.56 -7.04 12.69
N PRO A 189 7.71 -5.81 13.22
CA PRO A 189 8.42 -4.77 12.45
C PRO A 189 9.82 -5.18 11.99
N GLY A 190 10.65 -5.59 12.93
CA GLY A 190 12.02 -5.95 12.59
C GLY A 190 12.17 -7.10 11.61
N GLU A 191 11.44 -8.19 11.82
CA GLU A 191 11.54 -9.33 10.93
C GLU A 191 11.08 -8.94 9.52
N THR A 192 10.01 -8.15 9.45
CA THR A 192 9.48 -7.75 8.16
C THR A 192 10.48 -6.89 7.39
N LEU A 193 11.18 -6.00 8.11
CA LEU A 193 12.14 -5.12 7.49
C LEU A 193 13.43 -5.83 7.06
N ARG A 194 13.52 -7.13 7.33
CA ARG A 194 14.67 -7.89 6.83
C ARG A 194 14.49 -8.03 5.32
N PHE A 195 13.23 -7.95 4.85
CA PHE A 195 12.93 -8.13 3.44
C PHE A 195 12.24 -6.96 2.76
N ALA A 196 11.35 -6.28 3.48
CA ALA A 196 10.63 -5.15 2.92
C ALA A 196 11.39 -3.85 3.17
N ASP A 197 11.20 -2.86 2.32
CA ASP A 197 11.84 -1.57 2.48
C ASP A 197 11.09 -0.74 3.52
N ALA A 198 9.78 -0.96 3.63
CA ALA A 198 8.98 -0.20 4.58
C ALA A 198 7.82 -1.06 5.05
N ILE A 199 7.36 -0.76 6.25
CA ILE A 199 6.24 -1.47 6.82
C ILE A 199 5.05 -0.55 6.88
N ILE A 200 3.87 -1.13 6.69
CA ILE A 200 2.61 -0.42 6.78
C ILE A 200 2.00 -0.78 8.14
N VAL A 201 1.59 0.24 8.90
CA VAL A 201 0.98 -0.01 10.19
C VAL A 201 -0.27 0.83 10.32
N GLY A 202 -1.37 0.16 10.65
CA GLY A 202 -2.65 0.84 10.83
C GLY A 202 -3.11 0.85 12.28
N ARG A 203 -3.93 -0.12 12.65
CA ARG A 203 -4.51 -0.20 13.99
C ARG A 203 -3.56 -0.06 15.17
N SER A 204 -2.36 -0.66 15.10
CA SER A 204 -1.42 -0.56 16.23
C SER A 204 -1.11 0.88 16.55
N ILE A 205 -1.23 1.74 15.55
CA ILE A 205 -1.03 3.17 15.76
C ILE A 205 -2.36 3.93 15.92
N TYR A 206 -3.28 3.80 14.97
CA TYR A 206 -4.48 4.64 15.08
C TYR A 206 -5.53 4.29 16.13
N LEU A 207 -5.47 3.08 16.69
CA LEU A 207 -6.38 2.72 17.77
C LEU A 207 -5.69 2.83 19.13
N ALA A 208 -4.41 3.19 19.14
CA ALA A 208 -3.67 3.31 20.40
C ALA A 208 -4.15 4.51 21.20
N ASP A 209 -3.97 4.43 22.52
CA ASP A 209 -4.37 5.55 23.37
C ASP A 209 -3.47 6.75 23.04
N ASN A 210 -2.23 6.48 22.66
CA ASN A 210 -1.30 7.54 22.28
C ASN A 210 -0.63 7.10 20.97
N PRO A 211 -1.23 7.47 19.83
CA PRO A 211 -0.69 7.09 18.53
C PRO A 211 0.76 7.48 18.34
N ALA A 212 1.15 8.68 18.78
CA ALA A 212 2.54 9.11 18.64
C ALA A 212 3.49 8.20 19.44
N ALA A 213 3.09 7.83 20.66
CA ALA A 213 3.92 6.94 21.47
C ALA A 213 4.01 5.57 20.80
N ALA A 214 2.91 5.11 20.23
CA ALA A 214 2.91 3.82 19.55
C ALA A 214 3.85 3.88 18.33
N ALA A 215 3.78 4.94 17.54
CA ALA A 215 4.65 5.07 16.37
C ALA A 215 6.11 5.15 16.81
N ALA A 216 6.37 5.95 17.83
CA ALA A 216 7.72 6.10 18.33
C ALA A 216 8.28 4.77 18.80
N GLY A 217 7.44 3.98 19.46
CA GLY A 217 7.86 2.67 19.95
C GLY A 217 8.24 1.73 18.82
N ILE A 218 7.49 1.78 17.73
CA ILE A 218 7.81 0.95 16.59
C ILE A 218 9.15 1.36 16.00
N ILE A 219 9.33 2.66 15.81
CA ILE A 219 10.58 3.19 15.24
C ILE A 219 11.77 2.80 16.12
N GLU A 220 11.58 2.86 17.43
CA GLU A 220 12.63 2.52 18.37
C GLU A 220 12.97 1.03 18.30
N SER A 221 11.95 0.19 18.17
CA SER A 221 12.15 -1.26 18.11
C SER A 221 12.94 -1.68 16.88
N ILE A 222 13.11 -0.78 15.92
CA ILE A 222 13.85 -1.09 14.70
C ILE A 222 15.04 -0.14 14.54
#